data_8S15
#
_entry.id   8S15
#
_cell.length_a   54.350
_cell.length_b   54.350
_cell.length_c   456.070
_cell.angle_alpha   90.000
_cell.angle_beta   90.000
_cell.angle_gamma   120.000
#
_symmetry.space_group_name_H-M   'P 65 2 2'
#
loop_
_entity.id
_entity.type
_entity.pdbx_description
1 polymer 'Mast/stem cell growth factor receptor Kit'
2 non-polymer 'methyl (3Z)-3-{[(4-{methyl[(4-methylpiperazin-1-yl)acetyl]amino}phenyl)amino](phenyl)methylidene}-2-oxo-2,3-dihydro-1H-indole-6-carboxylate'
3 water water
#
_entity_poly.entity_id   1
_entity_poly.type   'polypeptide(L)'
_entity_poly.pdbx_seq_one_letter_code
;GSMPMYEVQWKVVEESNGNNYSYIDPTQLPYDHKWEFPRNRLSFGKTLGAGAFGKVVEATAQGLIKSDAAMTVAVKMLKP
SAHSTEREALMSELKVLSYLGNHENIVNLLGACTHGGPTLVITEYCCYGDLLNFLRRKRDEFVPYKVAPEDLYKDFLTLE
HLLSFSYQVAKGMAFLASKNCIHRDLAARNILLTHGNITKICDFGLARDIKNDSNYVDKGNARLPVKWMAPESIFNSVYT
FESDVWSYGIFLWELFSLGSSPYPGMPVDSKFYKMIKEGFRMSSPEYAPAEMYDIMKTCWDADPDKRPTFKQIVQDIEKQ
ISESTNH
;
_entity_poly.pdbx_strand_id   A
#
loop_
_chem_comp.id
_chem_comp.type
_chem_comp.name
_chem_comp.formula
XIN non-polymer 'methyl (3Z)-3-{[(4-{methyl[(4-methylpiperazin-1-yl)acetyl]amino}phenyl)amino](phenyl)methylidene}-2-oxo-2,3-dihydro-1H-indole-6-carboxylate' 'C31 H33 N5 O4'
#
# COMPACT_ATOMS: atom_id res chain seq x y z
N GLU A 7 1.81 8.96 21.65
CA GLU A 7 2.22 9.52 22.93
C GLU A 7 1.23 10.57 23.41
N VAL A 8 1.04 10.65 24.72
CA VAL A 8 0.13 11.62 25.32
C VAL A 8 0.98 12.64 26.09
N GLN A 9 1.55 13.60 25.37
CA GLN A 9 2.53 14.51 25.95
C GLN A 9 2.27 15.94 25.49
N TRP A 10 3.04 16.85 26.06
CA TRP A 10 3.08 18.23 25.59
C TRP A 10 3.72 18.32 24.21
N LYS A 11 3.41 19.41 23.51
CA LYS A 11 4.00 19.72 22.22
C LYS A 11 4.19 21.22 22.11
N VAL A 12 5.40 21.64 21.78
CA VAL A 12 5.66 23.02 21.35
C VAL A 12 5.46 23.06 19.84
N VAL A 13 4.82 24.12 19.36
CA VAL A 13 4.45 24.24 17.96
C VAL A 13 5.06 25.50 17.38
N GLU A 14 5.17 25.52 16.06
CA GLU A 14 5.63 26.69 15.31
C GLU A 14 4.72 26.86 14.11
N GLU A 15 4.69 28.09 13.59
CA GLU A 15 3.82 28.42 12.47
C GLU A 15 4.34 27.80 11.19
N SER A 16 3.42 27.30 10.37
CA SER A 16 3.77 26.69 9.09
C SER A 16 3.25 27.53 7.93
N ASN A 20 -2.83 24.70 4.43
CA ASN A 20 -2.58 23.44 5.11
C ASN A 20 -3.73 22.46 4.89
N TYR A 21 -3.57 21.24 5.40
CA TYR A 21 -4.56 20.19 5.24
C TYR A 21 -4.88 19.55 6.59
N SER A 22 -6.11 19.06 6.70
CA SER A 22 -6.55 18.33 7.89
C SER A 22 -7.40 17.15 7.44
N TYR A 23 -7.33 16.06 8.20
CA TYR A 23 -8.11 14.87 7.89
C TYR A 23 -9.59 15.18 7.92
N ILE A 24 -10.35 14.47 7.11
CA ILE A 24 -11.80 14.51 7.19
C ILE A 24 -12.25 13.33 8.04
N ASP A 25 -13.39 13.48 8.70
CA ASP A 25 -13.99 12.37 9.41
C ASP A 25 -14.66 11.46 8.40
N PRO A 26 -14.13 10.25 8.17
CA PRO A 26 -14.69 9.39 7.12
C PRO A 26 -16.11 8.93 7.40
N THR A 27 -16.58 9.01 8.64
CA THR A 27 -17.97 8.68 8.92
C THR A 27 -18.93 9.68 8.29
N GLN A 28 -18.45 10.89 8.00
CA GLN A 28 -19.27 11.91 7.35
C GLN A 28 -19.35 11.74 5.84
N LEU A 29 -18.52 10.89 5.25
CA LEU A 29 -18.60 10.62 3.83
C LEU A 29 -19.88 9.84 3.53
N PRO A 30 -20.49 10.06 2.36
CA PRO A 30 -21.69 9.31 1.99
C PRO A 30 -21.35 7.90 1.53
N TYR A 31 -22.26 6.99 1.81
CA TYR A 31 -22.23 5.65 1.23
C TYR A 31 -23.30 5.57 0.14
N ASP A 32 -22.87 5.42 -1.10
CA ASP A 32 -23.80 5.26 -2.21
C ASP A 32 -24.24 3.80 -2.25
N HIS A 33 -25.55 3.57 -2.11
CA HIS A 33 -26.10 2.22 -2.08
C HIS A 33 -26.06 1.52 -3.42
N LYS A 34 -25.50 2.14 -4.46
CA LYS A 34 -25.34 1.45 -5.74
C LYS A 34 -24.42 0.25 -5.61
N TRP A 35 -23.55 0.23 -4.61
CA TRP A 35 -22.62 -0.87 -4.38
C TRP A 35 -23.26 -2.04 -3.66
N GLU A 36 -24.53 -1.93 -3.25
CA GLU A 36 -25.15 -2.98 -2.46
C GLU A 36 -25.31 -4.24 -3.31
N PHE A 37 -24.75 -5.35 -2.83
CA PHE A 37 -24.75 -6.64 -3.48
C PHE A 37 -25.39 -7.68 -2.56
N PRO A 38 -26.26 -8.53 -3.10
CA PRO A 38 -26.97 -9.51 -2.27
C PRO A 38 -25.99 -10.45 -1.57
N ARG A 39 -26.15 -10.57 -0.25
CA ARG A 39 -25.28 -11.44 0.53
C ARG A 39 -25.42 -12.90 0.13
N ASN A 40 -26.60 -13.31 -0.31
CA ASN A 40 -26.85 -14.71 -0.65
C ASN A 40 -26.11 -15.15 -1.90
N ARG A 41 -25.44 -14.24 -2.61
CA ARG A 41 -24.70 -14.57 -3.81
C ARG A 41 -23.20 -14.68 -3.57
N LEU A 42 -22.78 -14.76 -2.31
CA LEU A 42 -21.37 -14.89 -1.95
C LEU A 42 -21.13 -16.29 -1.42
N SER A 43 -20.17 -17.00 -2.02
CA SER A 43 -19.70 -18.29 -1.55
C SER A 43 -18.29 -18.11 -1.01
N PHE A 44 -18.11 -18.38 0.27
CA PHE A 44 -16.85 -18.07 0.95
C PHE A 44 -15.87 -19.24 0.84
N GLY A 45 -14.63 -18.93 0.52
CA GLY A 45 -13.54 -19.88 0.49
C GLY A 45 -12.63 -19.75 1.69
N LYS A 46 -11.33 -19.91 1.46
CA LYS A 46 -10.36 -19.83 2.54
C LYS A 46 -10.09 -18.36 2.90
N THR A 47 -9.64 -18.16 4.13
CA THR A 47 -9.20 -16.85 4.58
C THR A 47 -7.82 -16.55 4.00
N LEU A 48 -7.71 -15.44 3.28
CA LEU A 48 -6.45 -15.07 2.66
C LEU A 48 -5.49 -14.45 3.66
N GLY A 49 -6.00 -13.61 4.56
CA GLY A 49 -5.20 -13.00 5.60
C GLY A 49 -6.09 -12.39 6.65
N ALA A 50 -5.60 -12.33 7.89
CA ALA A 50 -6.42 -11.85 9.01
C ALA A 50 -5.59 -10.98 9.92
N GLY A 51 -6.14 -9.82 10.29
CA GLY A 51 -5.56 -8.98 11.30
C GLY A 51 -6.06 -9.35 12.68
N ALA A 52 -6.04 -8.36 13.57
CA ALA A 52 -6.54 -8.59 14.93
C ALA A 52 -8.06 -8.62 14.96
N PHE A 53 -8.71 -7.72 14.23
CA PHE A 53 -10.15 -7.61 14.21
C PHE A 53 -10.78 -7.91 12.86
N GLY A 54 -10.09 -7.63 11.76
CA GLY A 54 -10.63 -7.88 10.44
C GLY A 54 -9.90 -8.96 9.68
N LYS A 55 -10.52 -9.47 8.61
CA LYS A 55 -9.91 -10.51 7.80
C LYS A 55 -10.38 -10.35 6.36
N VAL A 56 -9.57 -10.85 5.44
CA VAL A 56 -9.89 -10.87 4.02
C VAL A 56 -10.09 -12.32 3.61
N VAL A 57 -11.27 -12.63 3.07
CA VAL A 57 -11.65 -13.99 2.71
C VAL A 57 -11.81 -14.07 1.20
N GLU A 58 -11.23 -15.11 0.60
CA GLU A 58 -11.49 -15.39 -0.81
C GLU A 58 -12.91 -15.88 -0.98
N ALA A 59 -13.60 -15.38 -2.00
CA ALA A 59 -15.01 -15.69 -2.17
C ALA A 59 -15.37 -15.71 -3.65
N THR A 60 -16.52 -16.29 -3.93
CA THR A 60 -17.08 -16.38 -5.28
C THR A 60 -18.38 -15.59 -5.33
N ALA A 61 -18.46 -14.63 -6.25
CA ALA A 61 -19.58 -13.72 -6.35
C ALA A 61 -20.38 -14.03 -7.62
N GLN A 62 -21.63 -14.44 -7.45
CA GLN A 62 -22.46 -14.86 -8.56
C GLN A 62 -23.07 -13.64 -9.25
N GLY A 63 -22.77 -13.47 -10.54
CA GLY A 63 -23.34 -12.40 -11.32
C GLY A 63 -22.98 -11.00 -10.87
N LEU A 64 -21.78 -10.82 -10.29
CA LEU A 64 -21.40 -9.51 -9.80
C LEU A 64 -21.17 -8.53 -10.95
N ILE A 65 -20.34 -8.90 -11.92
CA ILE A 65 -20.05 -8.05 -13.07
C ILE A 65 -20.85 -8.53 -14.27
N LYS A 66 -20.64 -9.78 -14.68
CA LYS A 66 -21.41 -10.41 -15.74
C LYS A 66 -22.47 -11.29 -15.11
N SER A 67 -23.75 -11.03 -15.43
CA SER A 67 -24.84 -11.76 -14.81
C SER A 67 -24.81 -13.24 -15.11
N ASP A 68 -24.02 -13.67 -16.11
CA ASP A 68 -23.98 -15.07 -16.51
C ASP A 68 -23.14 -15.92 -15.56
N ALA A 69 -21.96 -15.45 -15.18
CA ALA A 69 -21.00 -16.30 -14.48
C ALA A 69 -20.55 -15.64 -13.18
N ALA A 70 -19.89 -16.46 -12.35
CA ALA A 70 -19.36 -16.01 -11.06
C ALA A 70 -17.88 -15.65 -11.20
N MET A 71 -17.40 -14.85 -10.26
CA MET A 71 -16.02 -14.40 -10.27
C MET A 71 -15.44 -14.44 -8.86
N THR A 72 -14.14 -14.73 -8.79
CA THR A 72 -13.45 -14.74 -7.51
C THR A 72 -13.23 -13.31 -7.03
N VAL A 73 -13.58 -13.06 -5.76
CA VAL A 73 -13.42 -11.75 -5.14
C VAL A 73 -12.81 -11.93 -3.76
N ALA A 74 -12.35 -10.82 -3.19
CA ALA A 74 -11.85 -10.78 -1.82
C ALA A 74 -12.83 -9.99 -0.97
N VAL A 75 -13.33 -10.63 0.08
CA VAL A 75 -14.35 -10.03 0.95
C VAL A 75 -13.69 -9.65 2.27
N LYS A 76 -13.71 -8.36 2.58
CA LYS A 76 -13.16 -7.84 3.83
C LYS A 76 -14.26 -7.77 4.87
N MET A 77 -14.01 -8.37 6.03
CA MET A 77 -15.04 -8.50 7.04
C MET A 77 -14.39 -8.50 8.42
N LEU A 78 -15.23 -8.38 9.45
CA LEU A 78 -14.76 -8.34 10.83
C LEU A 78 -14.90 -9.71 11.49
N LYS A 79 -14.07 -9.94 12.49
CA LYS A 79 -14.18 -11.13 13.33
C LYS A 79 -15.30 -10.93 14.34
N PRO A 80 -15.71 -12.00 15.04
CA PRO A 80 -16.67 -11.82 16.13
C PRO A 80 -16.16 -10.92 17.25
N SER A 81 -14.84 -10.88 17.47
CA SER A 81 -14.27 -10.08 18.55
C SER A 81 -14.37 -8.59 18.30
N ALA A 82 -14.76 -8.16 17.11
CA ALA A 82 -14.84 -6.74 16.81
C ALA A 82 -15.95 -6.07 17.61
N HIS A 83 -15.67 -4.84 18.06
CA HIS A 83 -16.64 -4.05 18.79
C HIS A 83 -17.25 -2.99 17.87
N SER A 84 -18.12 -2.15 18.45
CA SER A 84 -18.84 -1.17 17.66
C SER A 84 -17.90 -0.20 16.94
N THR A 85 -16.77 0.13 17.57
CA THR A 85 -15.81 1.03 16.93
C THR A 85 -15.18 0.40 15.70
N GLU A 86 -14.99 -0.93 15.71
CA GLU A 86 -14.45 -1.59 14.53
C GLU A 86 -15.49 -1.64 13.41
N ARG A 87 -16.76 -1.85 13.76
CA ARG A 87 -17.81 -1.87 12.75
C ARG A 87 -17.98 -0.50 12.11
N GLU A 88 -17.87 0.57 12.91
CA GLU A 88 -17.85 1.91 12.37
C GLU A 88 -16.64 2.11 11.46
N ALA A 89 -15.50 1.56 11.86
CA ALA A 89 -14.28 1.72 11.06
C ALA A 89 -14.41 1.02 9.71
N LEU A 90 -15.00 -0.18 9.69
CA LEU A 90 -15.19 -0.89 8.43
C LEU A 90 -16.16 -0.14 7.52
N MET A 91 -17.22 0.44 8.09
CA MET A 91 -18.13 1.25 7.29
C MET A 91 -17.43 2.47 6.72
N SER A 92 -16.57 3.11 7.53
CA SER A 92 -15.82 4.26 7.05
C SER A 92 -14.83 3.88 5.95
N GLU A 93 -14.25 2.68 6.03
CA GLU A 93 -13.39 2.21 4.96
C GLU A 93 -14.17 2.04 3.66
N LEU A 94 -15.40 1.53 3.76
CA LEU A 94 -16.26 1.42 2.58
C LEU A 94 -16.63 2.79 2.03
N LYS A 95 -16.83 3.76 2.92
CA LYS A 95 -17.15 5.12 2.47
C LYS A 95 -15.98 5.78 1.77
N VAL A 96 -14.75 5.47 2.19
CA VAL A 96 -13.57 6.03 1.53
C VAL A 96 -13.41 5.44 0.13
N LEU A 97 -13.53 4.11 0.02
CA LEU A 97 -13.44 3.45 -1.27
C LEU A 97 -14.53 3.95 -2.21
N SER A 98 -15.77 4.09 -1.70
CA SER A 98 -16.84 4.66 -2.51
C SER A 98 -16.52 6.09 -2.93
N TYR A 99 -15.80 6.84 -2.10
CA TYR A 99 -15.44 8.21 -2.44
C TYR A 99 -14.36 8.27 -3.50
N LEU A 100 -13.31 7.46 -3.34
CA LEU A 100 -12.13 7.57 -4.19
C LEU A 100 -12.48 7.29 -5.65
N GLY A 101 -13.34 6.33 -5.91
CA GLY A 101 -13.60 5.91 -7.28
C GLY A 101 -12.66 4.81 -7.71
N ASN A 102 -12.74 4.48 -9.00
CA ASN A 102 -12.05 3.34 -9.55
C ASN A 102 -10.76 3.76 -10.25
N HIS A 103 -9.71 2.99 -10.04
CA HIS A 103 -8.46 3.15 -10.78
C HIS A 103 -7.82 1.77 -10.92
N GLU A 104 -7.05 1.61 -12.00
CA GLU A 104 -6.46 0.31 -12.30
C GLU A 104 -5.42 -0.11 -11.25
N ASN A 105 -4.71 0.86 -10.67
CA ASN A 105 -3.57 0.57 -9.81
C ASN A 105 -3.91 0.68 -8.32
N ILE A 106 -5.19 0.60 -7.96
CA ILE A 106 -5.61 0.39 -6.57
C ILE A 106 -6.49 -0.85 -6.55
N VAL A 107 -6.55 -1.48 -5.38
CA VAL A 107 -7.51 -2.56 -5.16
C VAL A 107 -8.90 -1.93 -5.08
N ASN A 108 -9.71 -2.18 -6.10
CA ASN A 108 -10.95 -1.44 -6.29
C ASN A 108 -12.10 -2.08 -5.51
N LEU A 109 -13.10 -1.25 -5.19
CA LEU A 109 -14.33 -1.72 -4.58
C LEU A 109 -15.26 -2.26 -5.65
N LEU A 110 -15.79 -3.46 -5.42
CA LEU A 110 -16.72 -4.09 -6.35
C LEU A 110 -18.14 -4.18 -5.82
N GLY A 111 -18.32 -4.13 -4.51
CA GLY A 111 -19.64 -4.22 -3.93
C GLY A 111 -19.55 -4.27 -2.42
N ALA A 112 -20.72 -4.27 -1.79
CA ALA A 112 -20.78 -4.29 -0.34
C ALA A 112 -22.10 -4.90 0.11
N CYS A 113 -22.06 -5.54 1.27
CA CYS A 113 -23.24 -6.11 1.92
C CYS A 113 -23.39 -5.41 3.28
N THR A 114 -24.26 -4.41 3.34
CA THR A 114 -24.47 -3.63 4.56
C THR A 114 -25.77 -3.99 5.26
N HIS A 115 -26.41 -5.09 4.87
CA HIS A 115 -27.73 -5.44 5.38
C HIS A 115 -27.80 -6.94 5.66
N GLY A 116 -28.67 -7.31 6.60
CA GLY A 116 -28.89 -8.71 6.91
C GLY A 116 -27.71 -9.40 7.55
N GLY A 117 -26.84 -8.65 8.22
CA GLY A 117 -25.69 -9.24 8.87
C GLY A 117 -24.52 -8.28 8.93
N PRO A 118 -23.35 -8.80 9.30
CA PRO A 118 -22.17 -7.94 9.39
C PRO A 118 -21.77 -7.39 8.03
N THR A 119 -21.07 -6.26 8.06
CA THR A 119 -20.69 -5.57 6.83
C THR A 119 -19.63 -6.36 6.08
N LEU A 120 -19.87 -6.58 4.79
CA LEU A 120 -18.93 -7.27 3.92
C LEU A 120 -18.51 -6.30 2.82
N VAL A 121 -17.20 -6.07 2.68
CA VAL A 121 -16.67 -5.19 1.66
C VAL A 121 -16.03 -6.06 0.58
N ILE A 122 -16.57 -5.99 -0.63
CA ILE A 122 -16.15 -6.85 -1.73
C ILE A 122 -15.12 -6.10 -2.55
N THR A 123 -13.89 -6.59 -2.56
CA THR A 123 -12.79 -5.98 -3.30
C THR A 123 -12.30 -6.93 -4.39
N GLU A 124 -11.43 -6.40 -5.25
CA GLU A 124 -10.82 -7.21 -6.30
C GLU A 124 -9.88 -8.24 -5.71
N TYR A 125 -9.93 -9.45 -6.25
CA TYR A 125 -9.01 -10.51 -5.86
C TYR A 125 -7.76 -10.43 -6.74
N CYS A 126 -6.59 -10.44 -6.09
CA CYS A 126 -5.30 -10.34 -6.76
C CYS A 126 -4.56 -11.66 -6.55
N CYS A 127 -4.53 -12.50 -7.58
CA CYS A 127 -4.17 -13.90 -7.41
C CYS A 127 -2.73 -14.12 -6.94
N TYR A 128 -1.82 -13.16 -7.17
CA TYR A 128 -0.43 -13.34 -6.79
C TYR A 128 -0.13 -12.92 -5.36
N GLY A 129 -1.10 -12.31 -4.67
CA GLY A 129 -0.87 -11.87 -3.30
C GLY A 129 -0.15 -10.54 -3.25
N ASP A 130 0.52 -10.32 -2.12
CA ASP A 130 1.23 -9.07 -1.90
C ASP A 130 2.58 -9.08 -2.64
N LEU A 131 2.99 -7.88 -3.05
CA LEU A 131 4.20 -7.74 -3.87
C LEU A 131 5.45 -8.10 -3.09
N LEU A 132 5.45 -7.87 -1.77
CA LEU A 132 6.63 -8.15 -0.96
C LEU A 132 6.98 -9.64 -0.97
N ASN A 133 5.99 -10.49 -0.67
CA ASN A 133 6.24 -11.92 -0.70
C ASN A 133 6.50 -12.42 -2.12
N PHE A 134 5.94 -11.74 -3.13
CA PHE A 134 6.20 -12.11 -4.51
C PHE A 134 7.66 -11.86 -4.87
N LEU A 135 8.19 -10.70 -4.49
CA LEU A 135 9.57 -10.36 -4.80
C LEU A 135 10.54 -11.32 -4.11
N ARG A 136 10.32 -11.57 -2.82
CA ARG A 136 11.18 -12.49 -2.08
C ARG A 136 11.08 -13.92 -2.61
N ARG A 137 10.00 -14.25 -3.30
CA ARG A 137 9.85 -15.58 -3.89
C ARG A 137 10.61 -15.71 -5.21
N LYS A 138 10.69 -14.62 -5.98
CA LYS A 138 11.38 -14.63 -7.26
C LYS A 138 12.83 -14.19 -7.16
N ARG A 139 13.42 -14.26 -5.96
CA ARG A 139 14.78 -13.75 -5.76
C ARG A 139 15.79 -14.53 -6.60
N ASP A 140 15.74 -15.86 -6.54
CA ASP A 140 16.61 -16.70 -7.36
C ASP A 140 16.13 -16.83 -8.80
N GLU A 141 15.00 -16.20 -9.15
CA GLU A 141 14.51 -16.20 -10.53
C GLU A 141 14.43 -14.78 -11.06
N PHE A 142 15.56 -14.09 -11.12
CA PHE A 142 15.59 -12.72 -11.63
C PHE A 142 16.81 -12.51 -12.51
N VAL A 143 16.60 -11.86 -13.65
CA VAL A 143 17.69 -11.48 -14.56
C VAL A 143 17.36 -10.08 -15.07
N PRO A 144 18.34 -9.19 -15.25
CA PRO A 144 18.02 -7.87 -15.82
C PRO A 144 17.24 -7.94 -17.13
N TYR A 145 17.75 -8.70 -18.11
CA TYR A 145 16.98 -8.95 -19.33
C TYR A 145 17.36 -10.33 -19.86
N LYS A 146 16.44 -10.91 -20.63
CA LYS A 146 16.57 -12.29 -21.08
C LYS A 146 17.47 -12.37 -22.31
N VAL A 147 18.43 -13.30 -22.27
CA VAL A 147 19.32 -13.51 -23.41
C VAL A 147 18.74 -14.57 -24.33
N PRO A 149 19.19 -17.95 -24.69
CA PRO A 149 18.01 -18.77 -24.97
C PRO A 149 16.88 -18.50 -23.98
N GLU A 150 15.70 -18.15 -24.46
CA GLU A 150 14.62 -17.71 -23.58
C GLU A 150 14.02 -18.83 -22.76
N ASP A 151 14.25 -20.10 -23.14
CA ASP A 151 13.68 -21.21 -22.40
C ASP A 151 14.15 -21.23 -20.95
N LEU A 152 15.38 -20.80 -20.71
CA LEU A 152 15.97 -20.87 -19.37
C LEU A 152 15.35 -19.88 -18.40
N TYR A 153 14.74 -18.80 -18.89
CA TYR A 153 14.07 -17.85 -18.03
C TYR A 153 12.56 -17.88 -18.26
N LYS A 154 11.94 -19.04 -18.01
CA LYS A 154 10.53 -19.22 -18.36
C LYS A 154 9.64 -18.19 -17.65
N ASP A 155 9.57 -18.26 -16.33
CA ASP A 155 8.77 -17.37 -15.51
C ASP A 155 9.64 -16.43 -14.69
N PHE A 156 10.73 -15.96 -15.27
CA PHE A 156 11.68 -15.12 -14.56
C PHE A 156 11.18 -13.69 -14.39
N LEU A 157 11.61 -13.05 -13.32
CA LEU A 157 11.41 -11.63 -13.10
C LEU A 157 12.54 -10.86 -13.77
N THR A 158 12.21 -9.76 -14.42
CA THR A 158 13.20 -8.99 -15.15
C THR A 158 13.14 -7.52 -14.73
N LEU A 159 14.14 -6.77 -15.19
CA LEU A 159 14.16 -5.33 -14.97
C LEU A 159 12.95 -4.66 -15.63
N GLU A 160 12.45 -5.25 -16.71
CA GLU A 160 11.25 -4.73 -17.36
C GLU A 160 10.04 -4.81 -16.42
N HIS A 161 9.98 -5.85 -15.59
CA HIS A 161 8.87 -6.01 -14.66
C HIS A 161 8.95 -5.01 -13.52
N LEU A 162 10.13 -4.89 -12.91
CA LEU A 162 10.31 -3.95 -11.80
C LEU A 162 10.05 -2.52 -12.23
N LEU A 163 10.47 -2.16 -13.44
CA LEU A 163 10.21 -0.81 -13.95
C LEU A 163 8.72 -0.58 -14.15
N SER A 164 8.00 -1.60 -14.62
CA SER A 164 6.55 -1.49 -14.75
C SER A 164 5.88 -1.39 -13.39
N PHE A 165 6.42 -2.08 -12.39
CA PHE A 165 5.87 -2.00 -11.04
C PHE A 165 6.04 -0.60 -10.46
N SER A 166 7.24 -0.03 -10.58
CA SER A 166 7.47 1.34 -10.13
C SER A 166 6.51 2.31 -10.82
N TYR A 167 6.24 2.05 -12.10
CA TYR A 167 5.40 2.96 -12.89
C TYR A 167 3.94 2.85 -12.47
N GLN A 168 3.45 1.64 -12.21
CA GLN A 168 2.05 1.47 -11.85
C GLN A 168 1.76 1.97 -10.44
N VAL A 169 2.67 1.70 -9.50
CA VAL A 169 2.49 2.22 -8.13
C VAL A 169 2.50 3.73 -8.14
N ALA A 170 3.38 4.33 -8.95
CA ALA A 170 3.41 5.79 -9.05
C ALA A 170 2.10 6.33 -9.64
N LYS A 171 1.55 5.64 -10.64
CA LYS A 171 0.27 6.05 -11.20
C LYS A 171 -0.85 5.89 -10.18
N GLY A 172 -0.79 4.82 -9.38
CA GLY A 172 -1.80 4.62 -8.35
C GLY A 172 -1.74 5.70 -7.28
N MET A 173 -0.54 6.02 -6.82
CA MET A 173 -0.38 7.08 -5.82
C MET A 173 -0.78 8.44 -6.39
N ALA A 174 -0.41 8.69 -7.66
CA ALA A 174 -0.84 9.93 -8.31
C ALA A 174 -2.35 10.04 -8.33
N PHE A 175 -3.04 8.91 -8.50
CA PHE A 175 -4.50 8.92 -8.44
C PHE A 175 -5.00 9.28 -7.05
N LEU A 176 -4.40 8.68 -6.01
CA LEU A 176 -4.81 8.97 -4.64
C LEU A 176 -4.57 10.43 -4.30
N ALA A 177 -3.43 10.98 -4.68
CA ALA A 177 -3.13 12.37 -4.39
C ALA A 177 -4.12 13.31 -5.08
N SER A 178 -4.53 12.97 -6.31
CA SER A 178 -5.51 13.78 -7.02
C SER A 178 -6.87 13.76 -6.33
N LYS A 179 -7.14 12.74 -5.52
CA LYS A 179 -8.36 12.66 -4.73
C LYS A 179 -8.16 13.20 -3.31
N ASN A 180 -7.05 13.89 -3.05
CA ASN A 180 -6.70 14.41 -1.73
C ASN A 180 -6.64 13.28 -0.70
N CYS A 181 -6.06 12.16 -1.08
CA CYS A 181 -5.92 10.99 -0.21
C CYS A 181 -4.45 10.75 0.08
N ILE A 182 -4.11 10.59 1.36
CA ILE A 182 -2.76 10.26 1.80
C ILE A 182 -2.76 8.81 2.25
N HIS A 183 -1.73 8.06 1.83
CA HIS A 183 -1.70 6.64 2.16
C HIS A 183 -1.20 6.42 3.60
N ARG A 184 -0.10 7.09 3.97
CA ARG A 184 0.51 7.03 5.29
C ARG A 184 1.15 5.68 5.60
N ASP A 185 1.04 4.70 4.71
CA ASP A 185 1.64 3.38 4.93
C ASP A 185 1.97 2.72 3.60
N LEU A 186 2.60 3.47 2.70
CA LEU A 186 3.02 2.92 1.42
C LEU A 186 4.22 2.00 1.63
N ALA A 187 4.07 0.75 1.20
CA ALA A 187 5.12 -0.25 1.32
C ALA A 187 4.75 -1.42 0.41
N ALA A 188 5.75 -2.25 0.10
CA ALA A 188 5.53 -3.39 -0.78
C ALA A 188 4.49 -4.36 -0.20
N ARG A 189 4.42 -4.47 1.12
CA ARG A 189 3.44 -5.34 1.75
C ARG A 189 2.01 -4.88 1.50
N ASN A 190 1.81 -3.61 1.14
CA ASN A 190 0.50 -3.07 0.83
C ASN A 190 0.25 -2.96 -0.67
N ILE A 191 1.10 -3.56 -1.49
CA ILE A 191 0.92 -3.61 -2.93
C ILE A 191 0.55 -5.04 -3.30
N LEU A 192 -0.51 -5.21 -4.08
CA LEU A 192 -0.97 -6.52 -4.52
C LEU A 192 -0.75 -6.67 -6.01
N LEU A 193 -0.52 -7.90 -6.43
CA LEU A 193 -0.23 -8.23 -7.83
C LEU A 193 -1.31 -9.18 -8.36
N THR A 194 -1.81 -8.90 -9.55
CA THR A 194 -2.87 -9.70 -10.15
C THR A 194 -2.48 -10.07 -11.58
N HIS A 195 -3.45 -10.65 -12.30
CA HIS A 195 -3.21 -11.18 -13.64
C HIS A 195 -2.63 -10.11 -14.56
N GLY A 196 -1.61 -10.47 -15.32
CA GLY A 196 -0.98 -9.52 -16.22
C GLY A 196 0.01 -8.59 -15.56
N ASN A 197 0.53 -8.95 -14.39
CA ASN A 197 1.50 -8.13 -13.66
C ASN A 197 0.96 -6.72 -13.39
N ILE A 198 -0.32 -6.65 -13.03
CA ILE A 198 -0.94 -5.38 -12.63
C ILE A 198 -0.80 -5.27 -11.12
N THR A 199 -0.13 -4.20 -10.67
CA THR A 199 0.04 -3.94 -9.25
C THR A 199 -1.04 -2.99 -8.76
N LYS A 200 -1.55 -3.26 -7.56
CA LYS A 200 -2.67 -2.52 -7.00
C LYS A 200 -2.37 -2.11 -5.57
N ILE A 201 -2.51 -0.81 -5.30
CA ILE A 201 -2.31 -0.27 -3.96
C ILE A 201 -3.56 -0.49 -3.14
N CYS A 202 -3.39 -0.77 -1.84
CA CYS A 202 -4.52 -0.93 -0.95
C CYS A 202 -4.10 -0.54 0.47
N ASP A 203 -5.11 -0.38 1.32
CA ASP A 203 -4.93 -0.14 2.75
C ASP A 203 -5.48 -1.35 3.49
N PHE A 204 -4.59 -2.11 4.13
CA PHE A 204 -5.03 -3.30 4.85
C PHE A 204 -5.92 -2.95 6.03
N GLY A 205 -5.67 -1.82 6.69
CA GLY A 205 -6.52 -1.34 7.76
C GLY A 205 -6.72 -2.33 8.88
N LEU A 206 -7.95 -2.84 9.02
CA LEU A 206 -8.30 -3.79 10.07
C LEU A 206 -7.79 -5.20 9.79
N ALA A 207 -7.27 -5.46 8.59
CA ALA A 207 -6.90 -6.82 8.19
C ALA A 207 -5.42 -7.14 8.41
N ARG A 208 -4.62 -6.20 8.89
CA ARG A 208 -3.24 -6.46 9.25
C ARG A 208 -3.08 -6.30 10.75
N ASP A 209 -2.52 -7.32 11.40
CA ASP A 209 -2.21 -7.26 12.82
C ASP A 209 -0.89 -6.51 12.97
N ILE A 210 -0.96 -5.25 13.42
CA ILE A 210 0.23 -4.42 13.52
C ILE A 210 1.13 -4.87 14.66
N LYS A 211 0.54 -5.50 15.69
CA LYS A 211 1.31 -5.88 16.87
C LYS A 211 2.33 -6.98 16.58
N ASN A 212 2.04 -7.84 15.60
CA ASN A 212 2.88 -8.99 15.31
C ASN A 212 3.81 -8.77 14.12
N ASP A 213 3.82 -7.56 13.56
CA ASP A 213 4.67 -7.24 12.40
C ASP A 213 5.84 -6.39 12.88
N SER A 214 7.05 -6.91 12.69
CA SER A 214 8.26 -6.21 13.11
C SER A 214 8.51 -4.93 12.31
N ASN A 215 7.87 -4.80 11.13
CA ASN A 215 8.04 -3.60 10.33
C ASN A 215 7.37 -2.38 10.95
N TYR A 216 6.51 -2.57 11.95
CA TYR A 216 5.88 -1.48 12.68
C TYR A 216 6.52 -1.39 14.06
N VAL A 217 7.11 -0.23 14.36
CA VAL A 217 7.93 -0.04 15.56
C VAL A 217 7.09 0.59 16.66
N ASP A 218 7.24 0.06 17.87
CA ASP A 218 6.51 0.55 19.04
C ASP A 218 7.10 1.87 19.49
N LYS A 219 6.41 2.97 19.19
CA LYS A 219 6.81 4.31 19.63
C LYS A 219 5.71 4.83 20.56
N GLY A 220 6.03 4.93 21.84
CA GLY A 220 5.03 5.37 22.80
C GLY A 220 3.92 4.37 22.93
N ASN A 221 2.70 4.77 22.59
CA ASN A 221 1.57 3.85 22.57
C ASN A 221 1.20 3.39 21.17
N ALA A 222 1.74 4.02 20.13
CA ALA A 222 1.42 3.68 18.76
C ALA A 222 2.52 2.83 18.13
N ARG A 223 2.15 2.08 17.09
N ARG A 223 2.15 2.10 17.08
CA ARG A 223 3.10 1.31 16.31
CA ARG A 223 3.08 1.31 16.29
C ARG A 223 3.12 1.87 14.89
C ARG A 223 3.11 1.88 14.88
N LEU A 224 4.27 2.36 14.46
CA LEU A 224 4.39 3.05 13.18
C LEU A 224 5.45 2.40 12.30
N PRO A 225 5.24 2.39 10.97
CA PRO A 225 6.23 1.85 10.02
C PRO A 225 7.41 2.81 9.85
N VAL A 226 8.26 2.86 10.87
CA VAL A 226 9.26 3.92 10.99
C VAL A 226 10.19 3.95 9.78
N LYS A 227 10.67 2.78 9.35
CA LYS A 227 11.65 2.72 8.27
C LYS A 227 11.10 3.18 6.93
N TRP A 228 9.78 3.27 6.79
CA TRP A 228 9.17 3.79 5.57
C TRP A 228 8.73 5.24 5.67
N MET A 229 8.80 5.84 6.86
CA MET A 229 8.18 7.14 7.10
C MET A 229 9.15 8.28 6.88
N ALA A 230 8.61 9.40 6.40
CA ALA A 230 9.39 10.62 6.23
C ALA A 230 9.75 11.19 7.60
N PRO A 231 10.85 11.97 7.69
CA PRO A 231 11.26 12.49 8.99
C PRO A 231 10.21 13.38 9.65
N GLU A 232 9.54 14.24 8.87
CA GLU A 232 8.52 15.11 9.45
C GLU A 232 7.33 14.31 9.97
N SER A 233 7.15 13.07 9.50
CA SER A 233 6.11 12.22 10.05
C SER A 233 6.52 11.63 11.38
N ILE A 234 7.76 11.14 11.48
CA ILE A 234 8.21 10.49 12.70
C ILE A 234 8.38 11.52 13.82
N PHE A 235 8.90 12.70 13.50
CA PHE A 235 9.36 13.63 14.51
C PHE A 235 8.42 14.82 14.70
N ASN A 236 7.57 15.13 13.73
CA ASN A 236 6.64 16.24 13.83
C ASN A 236 5.18 15.82 13.64
N SER A 237 4.91 14.52 13.43
CA SER A 237 3.56 14.02 13.23
C SER A 237 2.88 14.71 12.04
N VAL A 238 3.65 14.95 10.98
CA VAL A 238 3.17 15.64 9.80
C VAL A 238 3.11 14.62 8.66
N TYR A 239 1.90 14.27 8.23
CA TYR A 239 1.67 13.40 7.09
C TYR A 239 1.05 14.22 5.97
N THR A 240 1.70 14.23 4.80
CA THR A 240 1.28 15.04 3.67
C THR A 240 1.41 14.21 2.40
N PHE A 241 1.04 14.84 1.27
CA PHE A 241 1.31 14.23 -0.03
C PHE A 241 2.80 14.01 -0.23
N GLU A 242 3.62 14.94 0.29
CA GLU A 242 5.07 14.83 0.11
C GLU A 242 5.67 13.72 0.95
N SER A 243 5.11 13.45 2.13
CA SER A 243 5.63 12.37 2.96
C SER A 243 5.30 11.01 2.37
N ASP A 244 4.20 10.89 1.64
CA ASP A 244 3.94 9.68 0.87
C ASP A 244 5.03 9.44 -0.16
N VAL A 245 5.52 10.52 -0.79
CA VAL A 245 6.58 10.40 -1.79
C VAL A 245 7.83 9.80 -1.17
N TRP A 246 8.13 10.18 0.07
CA TRP A 246 9.24 9.54 0.79
C TRP A 246 9.03 8.04 0.88
N SER A 247 7.82 7.62 1.28
CA SER A 247 7.52 6.20 1.40
C SER A 247 7.61 5.50 0.04
N TYR A 248 7.30 6.20 -1.04
CA TYR A 248 7.47 5.63 -2.37
C TYR A 248 8.94 5.37 -2.67
N GLY A 249 9.83 6.25 -2.23
CA GLY A 249 11.25 6.03 -2.40
C GLY A 249 11.73 4.80 -1.65
N ILE A 250 11.22 4.60 -0.43
CA ILE A 250 11.56 3.40 0.32
C ILE A 250 11.01 2.16 -0.37
N PHE A 251 9.82 2.28 -0.96
CA PHE A 251 9.25 1.16 -1.72
C PHE A 251 10.12 0.81 -2.91
N LEU A 252 10.64 1.83 -3.61
CA LEU A 252 11.53 1.59 -4.73
C LEU A 252 12.76 0.80 -4.30
N TRP A 253 13.29 1.10 -3.11
CA TRP A 253 14.44 0.36 -2.61
C TRP A 253 14.07 -1.10 -2.34
N GLU A 254 12.87 -1.34 -1.79
CA GLU A 254 12.36 -2.70 -1.66
C GLU A 254 12.29 -3.37 -3.02
N LEU A 255 11.77 -2.66 -4.02
CA LEU A 255 11.48 -3.26 -5.32
C LEU A 255 12.76 -3.71 -6.01
N PHE A 256 13.78 -2.86 -6.02
CA PHE A 256 15.02 -3.15 -6.74
C PHE A 256 16.05 -3.88 -5.90
N SER A 257 15.75 -4.16 -4.64
CA SER A 257 16.49 -5.14 -3.85
C SER A 257 15.74 -6.47 -3.77
N LEU A 258 14.62 -6.60 -4.48
CA LEU A 258 13.84 -7.83 -4.55
C LEU A 258 13.31 -8.24 -3.18
N GLY A 259 12.64 -7.30 -2.51
CA GLY A 259 11.95 -7.61 -1.27
C GLY A 259 12.79 -7.64 -0.03
N SER A 260 13.95 -6.97 -0.02
CA SER A 260 14.76 -6.89 1.18
C SER A 260 14.20 -5.84 2.13
N SER A 261 14.34 -6.11 3.42
CA SER A 261 13.91 -5.15 4.42
C SER A 261 14.77 -3.89 4.33
N PRO A 262 14.17 -2.71 4.41
CA PRO A 262 14.95 -1.47 4.33
C PRO A 262 15.83 -1.29 5.54
N TYR A 263 16.93 -0.56 5.35
CA TYR A 263 17.96 -0.38 6.35
C TYR A 263 18.35 -1.73 6.99
N PRO A 264 18.83 -2.68 6.18
CA PRO A 264 18.99 -4.05 6.69
C PRO A 264 20.05 -4.14 7.77
N GLY A 265 19.68 -4.76 8.89
CA GLY A 265 20.59 -4.93 10.00
C GLY A 265 20.68 -3.76 10.96
N MET A 266 19.81 -2.76 10.83
CA MET A 266 19.84 -1.59 11.69
C MET A 266 18.64 -1.60 12.63
N PRO A 267 18.82 -1.85 13.92
CA PRO A 267 17.70 -1.74 14.86
C PRO A 267 17.27 -0.29 15.03
N VAL A 268 15.96 -0.10 15.21
CA VAL A 268 15.39 1.24 15.35
C VAL A 268 15.60 1.71 16.79
N ASP A 269 16.41 2.75 16.96
CA ASP A 269 16.68 3.32 18.28
C ASP A 269 16.97 4.81 18.10
N SER A 270 17.43 5.45 19.18
CA SER A 270 17.67 6.89 19.13
C SER A 270 18.76 7.24 18.13
N LYS A 271 19.81 6.42 18.04
CA LYS A 271 20.88 6.68 17.08
C LYS A 271 20.35 6.63 15.65
N PHE A 272 19.45 5.69 15.37
CA PHE A 272 18.87 5.58 14.04
C PHE A 272 18.12 6.85 13.67
N TYR A 273 17.25 7.32 14.56
CA TYR A 273 16.53 8.57 14.33
C TYR A 273 17.51 9.73 14.14
N LYS A 274 18.57 9.76 14.94
CA LYS A 274 19.57 10.82 14.81
C LYS A 274 20.22 10.79 13.44
N MET A 275 20.66 9.60 12.99
CA MET A 275 21.34 9.47 11.72
C MET A 275 20.44 9.93 10.56
N ILE A 276 19.17 9.52 10.58
CA ILE A 276 18.23 9.96 9.55
C ILE A 276 18.14 11.48 9.52
N LYS A 277 18.10 12.10 10.70
CA LYS A 277 18.00 13.56 10.78
C LYS A 277 19.27 14.24 10.26
N GLU A 278 20.40 13.55 10.31
CA GLU A 278 21.68 14.14 9.90
C GLU A 278 22.02 13.85 8.44
N GLY A 279 21.14 13.18 7.71
CA GLY A 279 21.34 12.94 6.29
C GLY A 279 21.61 11.51 5.90
N PHE A 280 21.57 10.57 6.85
CA PHE A 280 21.83 9.17 6.51
C PHE A 280 20.75 8.64 5.57
N ARG A 281 21.18 7.99 4.50
CA ARG A 281 20.29 7.41 3.51
C ARG A 281 20.83 6.06 3.07
N MET A 282 19.92 5.19 2.65
CA MET A 282 20.33 3.90 2.10
C MET A 282 21.08 4.10 0.78
N SER A 283 21.97 3.17 0.49
CA SER A 283 22.68 3.18 -0.78
C SER A 283 21.83 2.53 -1.86
N SER A 284 22.35 2.51 -3.09
CA SER A 284 21.55 2.06 -4.22
C SER A 284 21.37 0.55 -4.19
N PRO A 285 20.17 0.05 -4.44
CA PRO A 285 19.96 -1.39 -4.53
C PRO A 285 20.75 -1.99 -5.67
N GLU A 286 20.96 -3.31 -5.60
CA GLU A 286 21.87 -3.96 -6.54
C GLU A 286 21.37 -3.87 -7.97
N TYR A 287 20.05 -3.99 -8.17
CA TYR A 287 19.47 -4.04 -9.50
C TYR A 287 18.77 -2.74 -9.90
N ALA A 288 18.95 -1.68 -9.14
CA ALA A 288 18.28 -0.42 -9.47
C ALA A 288 18.99 0.25 -10.64
N PRO A 289 18.26 0.66 -11.69
CA PRO A 289 18.88 1.50 -12.71
C PRO A 289 19.21 2.87 -12.15
N ALA A 290 20.22 3.50 -12.75
CA ALA A 290 20.74 4.76 -12.23
C ALA A 290 19.65 5.81 -12.10
N GLU A 291 18.80 5.94 -13.14
CA GLU A 291 17.76 6.97 -13.12
C GLU A 291 16.68 6.65 -12.10
N MET A 292 16.49 5.38 -11.75
CA MET A 292 15.54 5.04 -10.69
C MET A 292 16.10 5.37 -9.31
N TYR A 293 17.39 5.14 -9.11
CA TYR A 293 18.01 5.51 -7.84
C TYR A 293 18.06 7.03 -7.68
N ASP A 294 18.20 7.76 -8.78
CA ASP A 294 18.08 9.22 -8.72
C ASP A 294 16.72 9.62 -8.15
N ILE A 295 15.66 8.93 -8.58
CA ILE A 295 14.32 9.22 -8.05
C ILE A 295 14.26 8.90 -6.57
N MET A 296 14.93 7.84 -6.13
CA MET A 296 14.97 7.50 -4.71
C MET A 296 15.56 8.63 -3.89
N LYS A 297 16.72 9.15 -4.33
CA LYS A 297 17.40 10.19 -3.58
C LYS A 297 16.57 11.48 -3.51
N THR A 298 15.83 11.79 -4.57
CA THR A 298 14.96 12.97 -4.53
C THR A 298 13.78 12.73 -3.61
N CYS A 299 13.25 11.50 -3.58
CA CYS A 299 12.17 11.18 -2.67
C CYS A 299 12.61 11.31 -1.21
N TRP A 300 13.89 11.06 -0.93
CA TRP A 300 14.42 11.09 0.42
C TRP A 300 15.01 12.43 0.80
N ASP A 301 14.58 13.51 0.14
CA ASP A 301 15.06 14.84 0.50
C ASP A 301 14.43 15.28 1.82
N ALA A 302 15.26 15.77 2.73
CA ALA A 302 14.75 16.24 4.02
C ALA A 302 13.76 17.38 3.85
N ASP A 303 13.96 18.19 2.80
CA ASP A 303 12.99 19.23 2.47
C ASP A 303 11.86 18.64 1.66
N PRO A 304 10.61 18.65 2.18
CA PRO A 304 9.49 18.12 1.39
C PRO A 304 9.22 18.90 0.11
N ASP A 305 9.65 20.16 0.04
CA ASP A 305 9.43 20.95 -1.17
C ASP A 305 10.29 20.49 -2.32
N LYS A 306 11.44 19.88 -2.03
CA LYS A 306 12.36 19.44 -3.08
C LYS A 306 12.12 17.99 -3.50
N ARG A 307 11.10 17.34 -2.96
CA ARG A 307 10.72 16.01 -3.41
C ARG A 307 9.82 16.13 -4.65
N PRO A 308 9.90 15.16 -5.56
CA PRO A 308 9.00 15.18 -6.71
C PRO A 308 7.58 14.80 -6.31
N THR A 309 6.62 15.39 -6.99
CA THR A 309 5.25 14.93 -6.85
C THR A 309 5.06 13.63 -7.62
N PHE A 310 4.00 12.89 -7.27
CA PHE A 310 3.75 11.64 -7.97
C PHE A 310 3.42 11.85 -9.44
N LYS A 311 2.85 13.02 -9.77
CA LYS A 311 2.63 13.35 -11.18
C LYS A 311 3.97 13.48 -11.92
N GLN A 312 4.97 14.04 -11.27
CA GLN A 312 6.29 14.15 -11.89
C GLN A 312 6.98 12.79 -11.95
N ILE A 313 6.82 11.97 -10.92
CA ILE A 313 7.42 10.63 -10.93
C ILE A 313 6.87 9.81 -12.09
N VAL A 314 5.56 9.94 -12.35
CA VAL A 314 4.95 9.21 -13.46
C VAL A 314 5.57 9.63 -14.78
N GLN A 315 5.70 10.94 -15.00
CA GLN A 315 6.30 11.43 -16.23
C GLN A 315 7.78 11.08 -16.32
N ASP A 316 8.46 10.96 -15.17
CA ASP A 316 9.87 10.60 -15.18
C ASP A 316 10.06 9.14 -15.57
N ILE A 317 9.30 8.24 -14.95
CA ILE A 317 9.44 6.81 -15.26
C ILE A 317 8.91 6.51 -16.66
N GLU A 318 7.97 7.30 -17.15
CA GLU A 318 7.39 7.05 -18.46
C GLU A 318 8.45 7.15 -19.56
N LYS A 319 9.34 8.13 -19.45
CA LYS A 319 10.42 8.26 -20.44
C LYS A 319 11.39 7.09 -20.36
N GLN A 320 11.56 6.50 -19.18
CA GLN A 320 12.44 5.34 -19.05
C GLN A 320 11.83 4.10 -19.70
N ILE A 321 10.52 3.93 -19.57
CA ILE A 321 9.85 2.79 -20.20
C ILE A 321 9.97 2.88 -21.72
N SER A 322 9.77 4.07 -22.27
CA SER A 322 9.85 4.27 -23.72
C SER A 322 11.30 4.34 -24.19
C1 XIN B . -5.93 -9.92 -1.21
C2 XIN B . -6.26 -8.72 -0.47
C3 XIN B . -5.07 -10.96 -0.93
C4 XIN B . -6.72 -9.88 -2.44
C5 XIN B . -7.21 -8.01 -1.25
C6 XIN B . -5.86 -8.17 0.74
C7 XIN B . -4.21 -10.93 0.27
C11 XIN B . -7.75 -6.81 -0.84
C12 XIN B . -6.39 -6.95 1.16
C15 XIN B . -4.28 -13.19 -1.92
C16 XIN B . -7.34 -6.27 0.39
C17 XIN B . -3.98 -11.23 2.64
C18 XIN B . -2.09 -10.54 1.33
C19 XIN B . -3.56 -13.73 -0.86
C21 XIN B . -7.90 -4.98 0.82
C23 XIN B . -2.79 -14.88 -1.04
C24 XIN B . -3.47 -15.00 -3.31
O25 XIN B . -8.68 -4.42 -0.07
O26 XIN B . -7.68 -4.47 1.91
C27 XIN B . -2.75 -15.54 -2.25
C30 XIN B . -2.43 -17.94 -2.05
C31 XIN B . -0.75 -16.54 -3.20
C32 XIN B . -3.74 -18.01 -1.29
C35 XIN B . -4.73 -18.75 -3.42
C36 XIN B . -5.19 -19.93 -1.41
C37 XIN B . -6.05 -19.23 -4.00
C38 XIN B . -6.50 -20.43 -1.99
C40 XIN B . -7.75 -20.95 -3.97
O33 XIN B . -1.80 -18.95 -2.23
N34 XIN B . -4.83 -18.64 -1.97
N39 XIN B . -6.47 -20.50 -3.44
N29 XIN B . -2.00 -16.72 -2.47
C20 XIN B . -4.22 -13.86 -3.14
N8 XIN B . -5.06 -12.02 -1.76
C14 XIN B . -2.87 -10.56 0.19
C22 XIN B . -2.64 -10.86 2.57
C13 XIN B . -4.76 -11.26 1.51
C28 XIN B . -9.06 -3.06 0.15
N9 XIN B . -7.46 -8.73 -2.41
O10 XIN B . -6.75 -10.71 -3.35
#